data_5ROL
#
_entry.id   5ROL
#
_cell.length_a   67.720
_cell.length_b   67.720
_cell.length_c   106.780
_cell.angle_alpha   90.000
_cell.angle_beta   90.000
_cell.angle_gamma   90.000
#
_symmetry.space_group_name_H-M   'P 43 21 2'
#
loop_
_entity.id
_entity.type
_entity.pdbx_description
1 polymer 'Proteinase K'
2 non-polymer 'SULFATE ION'
3 non-polymer 3-(dimethylamino)benzohydrazide
4 water water
#
_entity_poly.entity_id   1
_entity_poly.type   'polypeptide(L)'
_entity_poly.pdbx_seq_one_letter_code
;AAQTNAPWGLARISSTSPGTSTYYYDESAGQGSCVYVIDTGIEASHPEFEGRAQMVKTYYYSSRDGNGHGTHCAGTVGSR
TYGVAKKTQLFGVKVLDDNGSGQYSTIIAGMDFVASDKNNRNCPKGVVASLSLGGGYSSSVNSAAARLQSSGVMVAVAAG
NNNADARNYSPASEPSVCTVGASDRYDRRSSFSNYGSVLDIFGPGTDILSTWIGGSTRSISGTSMATPHVAGLAAYLMTL
GKTTAASACRYIADTANKGDLSNIPFGTVNLLAYNNYQA
;
_entity_poly.pdbx_strand_id   A
#
loop_
_chem_comp.id
_chem_comp.type
_chem_comp.name
_chem_comp.formula
47S non-polymer 3-(dimethylamino)benzohydrazide 'C9 H13 N3 O'
SO4 non-polymer 'SULFATE ION' 'O4 S -2'
#
# COMPACT_ATOMS: atom_id res chain seq x y z
N ALA A 1 -1.16 -21.62 2.42
CA ALA A 1 -2.60 -21.35 2.48
C ALA A 1 -3.13 -20.90 1.13
N ALA A 2 -4.44 -21.01 0.92
CA ALA A 2 -5.05 -20.67 -0.35
C ALA A 2 -6.42 -20.04 -0.09
N GLN A 3 -6.68 -18.91 -0.77
CA GLN A 3 -8.00 -18.28 -0.75
C GLN A 3 -8.59 -18.47 -2.14
N THR A 4 -9.63 -19.28 -2.25
CA THR A 4 -10.28 -19.47 -3.53
C THR A 4 -11.14 -18.27 -3.88
N ASN A 5 -11.28 -18.01 -5.19
CA ASN A 5 -12.10 -16.93 -5.71
C ASN A 5 -11.73 -15.59 -5.07
N ALA A 6 -10.43 -15.35 -4.99
CA ALA A 6 -9.90 -14.13 -4.40
C ALA A 6 -10.08 -12.96 -5.37
N PRO A 7 -10.07 -11.72 -4.86
CA PRO A 7 -9.98 -10.57 -5.76
C PRO A 7 -8.79 -10.75 -6.69
N TRP A 8 -8.94 -10.29 -7.94
CA TRP A 8 -7.94 -10.58 -8.96
C TRP A 8 -6.55 -10.12 -8.55
N GLY A 9 -6.46 -9.01 -7.82
CA GLY A 9 -5.15 -8.48 -7.46
C GLY A 9 -4.39 -9.38 -6.50
N LEU A 10 -5.10 -9.97 -5.53
CA LEU A 10 -4.47 -10.94 -4.64
C LEU A 10 -4.01 -12.16 -5.42
N ALA A 11 -4.85 -12.70 -6.30
CA ALA A 11 -4.42 -13.81 -7.12
C ALA A 11 -3.22 -13.44 -7.97
N ARG A 12 -3.19 -12.21 -8.48
CA ARG A 12 -2.11 -11.79 -9.36
C ARG A 12 -0.77 -11.77 -8.65
N ILE A 13 -0.75 -11.31 -7.39
CA ILE A 13 0.52 -11.21 -6.69
C ILE A 13 1.07 -12.55 -6.24
N SER A 14 0.29 -13.62 -6.36
CA SER A 14 0.78 -14.97 -6.08
C SER A 14 0.85 -15.83 -7.34
N SER A 15 0.97 -15.22 -8.52
CA SER A 15 1.03 -15.98 -9.75
C SER A 15 2.06 -15.37 -10.69
N THR A 16 2.65 -16.20 -11.57
CA THR A 16 3.49 -15.72 -12.65
C THR A 16 2.70 -15.47 -13.93
N SER A 17 1.38 -15.58 -13.89
CA SER A 17 0.55 -15.34 -15.06
C SER A 17 -0.72 -14.62 -14.64
N PRO A 18 -1.25 -13.75 -15.49
CA PRO A 18 -2.55 -13.15 -15.21
C PRO A 18 -3.66 -14.17 -15.41
N GLY A 19 -4.84 -13.87 -14.87
CA GLY A 19 -6.03 -14.67 -15.12
C GLY A 19 -6.33 -15.76 -14.11
N THR A 20 -5.56 -15.88 -13.04
CA THR A 20 -5.85 -16.88 -12.01
C THR A 20 -6.81 -16.32 -10.98
N SER A 21 -7.35 -17.21 -10.13
CA SER A 21 -8.37 -16.82 -9.18
C SER A 21 -8.06 -17.19 -7.73
N THR A 22 -6.99 -17.94 -7.45
CA THR A 22 -6.65 -18.33 -6.10
C THR A 22 -5.46 -17.52 -5.62
N TYR A 23 -5.57 -16.96 -4.42
CA TYR A 23 -4.44 -16.28 -3.77
C TYR A 23 -3.73 -17.28 -2.88
N TYR A 24 -2.49 -17.62 -3.21
CA TYR A 24 -1.67 -18.51 -2.41
C TYR A 24 -0.72 -17.69 -1.55
N TYR A 25 -0.65 -18.01 -0.27
CA TYR A 25 0.19 -17.25 0.64
C TYR A 25 0.54 -18.11 1.85
N ASP A 26 1.70 -17.84 2.44
CA ASP A 26 2.08 -18.50 3.68
C ASP A 26 1.15 -18.10 4.81
N GLU A 27 0.75 -19.08 5.62
CA GLU A 27 -0.25 -18.86 6.66
C GLU A 27 0.17 -17.86 7.71
N SER A 28 1.48 -17.55 7.82
CA SER A 28 1.89 -16.53 8.80
C SER A 28 1.20 -15.20 8.52
N ALA A 29 0.99 -14.89 7.24
CA ALA A 29 0.04 -13.84 6.82
C ALA A 29 0.35 -12.46 7.43
N GLY A 30 1.63 -12.15 7.62
CA GLY A 30 1.98 -10.86 8.20
C GLY A 30 1.76 -10.73 9.69
N GLN A 31 1.47 -11.82 10.40
CA GLN A 31 1.35 -11.73 11.85
C GLN A 31 2.65 -11.20 12.45
N GLY A 32 2.51 -10.31 13.44
CA GLY A 32 3.66 -9.72 14.08
C GLY A 32 4.18 -8.47 13.43
N SER A 33 3.71 -8.13 12.23
CA SER A 33 4.05 -6.86 11.58
C SER A 33 2.96 -5.83 11.85
N CYS A 34 3.26 -4.59 11.53
CA CYS A 34 2.30 -3.51 11.68
C CYS A 34 2.35 -2.61 10.46
N VAL A 35 1.18 -2.20 9.98
CA VAL A 35 1.09 -1.30 8.84
C VAL A 35 0.28 -0.09 9.24
N TYR A 36 0.88 1.08 9.13
CA TYR A 36 0.18 2.34 9.31
C TYR A 36 -0.42 2.76 7.97
N VAL A 37 -1.73 2.99 7.94
CA VAL A 37 -2.42 3.46 6.75
C VAL A 37 -2.68 4.95 6.97
N ILE A 38 -1.95 5.79 6.26
CA ILE A 38 -1.98 7.23 6.46
C ILE A 38 -2.92 7.79 5.39
N ASP A 39 -4.14 8.15 5.78
CA ASP A 39 -5.22 8.32 4.81
C ASP A 39 -6.42 9.05 5.43
N THR A 40 -7.64 8.70 5.00
CA THR A 40 -8.86 9.30 5.55
C THR A 40 -9.32 8.63 6.84
N GLY A 41 -8.57 7.68 7.38
CA GLY A 41 -8.99 6.91 8.53
C GLY A 41 -9.26 5.46 8.15
N ILE A 42 -9.65 4.69 9.14
CA ILE A 42 -10.04 3.29 8.96
C ILE A 42 -11.28 3.04 9.79
N GLU A 43 -12.30 2.42 9.19
CA GLU A 43 -13.46 1.98 9.96
C GLU A 43 -13.08 0.68 10.66
N ALA A 44 -12.46 0.83 11.83
CA ALA A 44 -11.90 -0.31 12.54
C ALA A 44 -12.97 -1.31 12.96
N SER A 45 -14.21 -0.87 13.09
CA SER A 45 -15.32 -1.75 13.45
C SER A 45 -15.72 -2.70 12.33
N HIS A 46 -15.20 -2.53 11.11
CA HIS A 46 -15.61 -3.40 10.01
C HIS A 46 -15.30 -4.85 10.37
N PRO A 47 -16.26 -5.77 10.23
CA PRO A 47 -15.98 -7.18 10.56
C PRO A 47 -14.76 -7.75 9.84
N GLU A 48 -14.45 -7.24 8.65
CA GLU A 48 -13.33 -7.73 7.86
C GLU A 48 -11.98 -7.46 8.53
N PHE A 49 -11.90 -6.54 9.50
CA PHE A 49 -10.64 -6.29 10.17
C PHE A 49 -10.44 -7.18 11.40
N GLU A 50 -11.50 -7.84 11.89
CA GLU A 50 -11.37 -8.87 12.92
C GLU A 50 -10.71 -8.36 14.20
N GLY A 51 -10.91 -7.07 14.52
CA GLY A 51 -10.30 -6.47 15.68
C GLY A 51 -8.85 -6.11 15.53
N ARG A 52 -8.26 -6.30 14.34
CA ARG A 52 -6.84 -6.04 14.11
C ARG A 52 -6.56 -4.63 13.63
N ALA A 53 -7.56 -3.76 13.56
CA ALA A 53 -7.37 -2.39 13.12
C ALA A 53 -7.68 -1.45 14.26
N GLN A 54 -6.89 -0.39 14.38
CA GLN A 54 -7.23 0.65 15.34
C GLN A 54 -6.74 2.00 14.85
N MET A 55 -7.56 3.03 15.06
CA MET A 55 -7.14 4.40 14.86
C MET A 55 -6.18 4.80 15.96
N VAL A 56 -5.07 5.46 15.58
CA VAL A 56 -4.10 5.94 16.55
C VAL A 56 -3.90 7.46 16.50
N LYS A 57 -4.35 8.14 15.45
CA LYS A 57 -4.15 9.58 15.36
C LYS A 57 -5.13 10.14 14.34
N THR A 58 -5.73 11.28 14.66
CA THR A 58 -6.47 12.04 13.68
C THR A 58 -6.06 13.51 13.73
N TYR A 59 -6.07 14.14 12.57
CA TYR A 59 -5.83 15.58 12.47
C TYR A 59 -7.12 16.36 12.24
N TYR A 60 -8.27 15.70 12.40
CA TYR A 60 -9.56 16.35 12.21
C TYR A 60 -10.45 16.15 13.43
N TYR A 61 -11.70 16.58 13.33
CA TYR A 61 -12.58 16.63 14.49
C TYR A 61 -12.88 15.23 15.03
N SER A 62 -12.85 14.24 14.15
CA SER A 62 -13.15 12.86 14.52
C SER A 62 -12.09 11.97 13.90
N SER A 63 -11.96 10.77 14.46
CA SER A 63 -11.11 9.74 13.88
C SER A 63 -11.87 8.87 12.88
N ARG A 64 -13.17 9.09 12.72
CA ARG A 64 -13.99 8.31 11.82
C ARG A 64 -13.57 8.53 10.37
N ASP A 65 -13.53 7.44 9.60
CA ASP A 65 -13.39 7.54 8.15
C ASP A 65 -14.77 7.87 7.58
N GLY A 66 -15.01 9.15 7.26
CA GLY A 66 -16.26 9.54 6.63
C GLY A 66 -16.22 9.52 5.11
N ASN A 67 -15.13 9.01 4.53
CA ASN A 67 -14.97 8.95 3.09
C ASN A 67 -15.02 7.53 2.54
N GLY A 68 -14.20 6.62 3.08
CA GLY A 68 -14.12 5.26 2.61
C GLY A 68 -12.76 4.90 2.02
N HIS A 69 -12.06 5.89 1.46
CA HIS A 69 -10.78 5.63 0.78
C HIS A 69 -9.77 4.94 1.70
N GLY A 70 -9.60 5.46 2.92
CA GLY A 70 -8.64 4.85 3.84
C GLY A 70 -9.05 3.45 4.27
N THR A 71 -10.35 3.23 4.44
CA THR A 71 -10.85 1.91 4.77
C THR A 71 -10.60 0.93 3.63
N HIS A 72 -10.77 1.38 2.39
CA HIS A 72 -10.49 0.55 1.23
C HIS A 72 -9.02 0.16 1.17
N CYS A 73 -8.14 1.15 1.32
CA CYS A 73 -6.71 0.86 1.30
C CYS A 73 -6.30 -0.06 2.44
N ALA A 74 -6.80 0.21 3.65
CA ALA A 74 -6.51 -0.68 4.77
C ALA A 74 -6.99 -2.10 4.50
N GLY A 75 -8.16 -2.24 3.86
CA GLY A 75 -8.65 -3.55 3.52
C GLY A 75 -7.73 -4.31 2.58
N THR A 76 -7.11 -3.60 1.62
CA THR A 76 -6.18 -4.26 0.71
C THR A 76 -4.89 -4.65 1.42
N VAL A 77 -4.46 -3.87 2.42
CA VAL A 77 -3.30 -4.29 3.21
C VAL A 77 -3.63 -5.56 3.99
N GLY A 78 -4.73 -5.54 4.73
CA GLY A 78 -4.88 -6.52 5.80
C GLY A 78 -6.27 -6.97 6.19
N SER A 79 -7.31 -6.73 5.40
CA SER A 79 -8.59 -7.33 5.75
C SER A 79 -8.53 -8.84 5.49
N ARG A 80 -9.44 -9.57 6.15
CA ARG A 80 -9.52 -11.02 5.99
C ARG A 80 -9.70 -11.43 4.54
N THR A 81 -10.76 -10.91 3.89
CA THR A 81 -11.08 -11.35 2.54
C THR A 81 -10.30 -10.60 1.46
N TYR A 82 -10.01 -9.32 1.66
CA TYR A 82 -9.49 -8.48 0.61
C TYR A 82 -8.01 -8.14 0.78
N GLY A 83 -7.38 -8.64 1.83
CA GLY A 83 -6.04 -8.21 2.20
C GLY A 83 -4.90 -9.12 1.78
N VAL A 84 -3.74 -8.51 1.54
CA VAL A 84 -2.52 -9.25 1.24
C VAL A 84 -1.98 -9.93 2.49
N ALA A 85 -1.97 -9.23 3.62
CA ALA A 85 -1.36 -9.69 4.86
C ALA A 85 -2.49 -9.80 5.88
N LYS A 86 -3.13 -10.97 5.90
CA LYS A 86 -4.42 -11.13 6.55
C LYS A 86 -4.35 -11.16 8.07
N LYS A 87 -3.15 -11.20 8.65
CA LYS A 87 -2.98 -11.25 10.08
C LYS A 87 -2.15 -10.09 10.62
N THR A 88 -1.87 -9.08 9.80
CA THR A 88 -1.12 -7.92 10.26
C THR A 88 -1.96 -7.06 11.19
N GLN A 89 -1.27 -6.20 11.94
CA GLN A 89 -1.89 -5.12 12.72
C GLN A 89 -1.97 -3.87 11.89
N LEU A 90 -3.17 -3.27 11.83
CA LEU A 90 -3.40 -2.04 11.08
C LEU A 90 -3.58 -0.87 12.03
N PHE A 91 -2.88 0.22 11.75
CA PHE A 91 -2.98 1.46 12.52
C PHE A 91 -3.41 2.58 11.58
N GLY A 92 -4.46 3.30 11.95
CA GLY A 92 -4.99 4.38 11.11
C GLY A 92 -4.51 5.74 11.59
N VAL A 93 -4.04 6.54 10.63
CA VAL A 93 -3.61 7.91 10.87
C VAL A 93 -4.38 8.78 9.87
N LYS A 94 -5.34 9.56 10.38
CA LYS A 94 -6.23 10.34 9.51
C LYS A 94 -5.59 11.69 9.21
N VAL A 95 -4.90 11.77 8.07
CA VAL A 95 -4.37 13.05 7.59
C VAL A 95 -5.23 13.66 6.50
N LEU A 96 -6.18 12.92 5.94
CA LEU A 96 -7.07 13.42 4.91
C LEU A 96 -8.47 13.59 5.48
N ASP A 97 -9.15 14.66 5.05
CA ASP A 97 -10.51 14.91 5.50
C ASP A 97 -11.48 13.94 4.81
N ASP A 98 -12.77 14.10 5.11
CA ASP A 98 -13.77 13.17 4.61
C ASP A 98 -14.10 13.38 3.14
N ASN A 99 -13.51 14.39 2.50
CA ASN A 99 -13.57 14.53 1.06
C ASN A 99 -12.33 13.94 0.39
N GLY A 100 -11.41 13.38 1.17
CA GLY A 100 -10.18 12.85 0.63
C GLY A 100 -9.08 13.86 0.43
N SER A 101 -9.21 15.06 0.98
CA SER A 101 -8.23 16.13 0.78
C SER A 101 -7.46 16.39 2.08
N GLY A 102 -6.23 16.86 1.93
CA GLY A 102 -5.45 17.24 3.10
C GLY A 102 -4.32 18.17 2.73
N GLN A 103 -4.01 19.08 3.64
CA GLN A 103 -2.90 19.99 3.44
C GLN A 103 -1.57 19.26 3.65
N TYR A 104 -0.55 19.70 2.91
CA TYR A 104 0.76 19.08 3.02
C TYR A 104 1.31 19.16 4.45
N SER A 105 1.05 20.26 5.15
CA SER A 105 1.53 20.38 6.53
C SER A 105 0.97 19.25 7.39
N THR A 106 -0.30 18.90 7.19
CA THR A 106 -0.92 17.82 7.95
C THR A 106 -0.36 16.46 7.56
N ILE A 107 -0.18 16.24 6.25
CA ILE A 107 0.38 14.98 5.78
C ILE A 107 1.79 14.78 6.34
N ILE A 108 2.60 15.86 6.34
CA ILE A 108 3.94 15.79 6.92
C ILE A 108 3.87 15.45 8.41
N ALA A 109 2.99 16.13 9.14
CA ALA A 109 2.85 15.85 10.57
C ALA A 109 2.50 14.38 10.80
N GLY A 110 1.62 13.83 9.95
CA GLY A 110 1.25 12.43 10.11
C GLY A 110 2.41 11.48 9.89
N MET A 111 3.27 11.77 8.91
CA MET A 111 4.46 10.95 8.71
C MET A 111 5.40 11.03 9.90
N ASP A 112 5.68 12.24 10.40
CA ASP A 112 6.50 12.39 11.59
C ASP A 112 5.89 11.65 12.77
N PHE A 113 4.56 11.68 12.87
CA PHE A 113 3.87 10.97 13.95
C PHE A 113 4.17 9.48 13.91
N VAL A 114 4.06 8.85 12.73
CA VAL A 114 4.31 7.42 12.61
C VAL A 114 5.74 7.08 13.00
N ALA A 115 6.71 7.92 12.57
CA ALA A 115 8.11 7.63 12.87
C ALA A 115 8.35 7.55 14.38
N SER A 116 7.64 8.35 15.15
CA SER A 116 7.72 8.31 16.61
C SER A 116 6.82 7.24 17.22
N ASP A 117 5.55 7.20 16.79
CA ASP A 117 4.57 6.33 17.43
C ASP A 117 4.97 4.86 17.35
N LYS A 118 5.67 4.47 16.28
CA LYS A 118 6.06 3.07 16.13
C LYS A 118 7.01 2.63 17.23
N ASN A 119 7.74 3.56 17.83
CA ASN A 119 8.59 3.22 18.96
C ASN A 119 7.80 2.85 20.21
N ASN A 120 6.46 3.01 20.18
CA ASN A 120 5.58 2.72 21.31
C ASN A 120 4.68 1.51 21.06
N ARG A 121 4.91 0.76 19.98
CA ARG A 121 4.04 -0.36 19.62
C ARG A 121 4.88 -1.61 19.52
N ASN A 122 4.28 -2.75 19.85
CA ASN A 122 4.94 -4.04 19.71
C ASN A 122 4.72 -4.53 18.29
N CYS A 123 5.75 -4.40 17.45
CA CYS A 123 5.70 -4.83 16.05
C CYS A 123 6.96 -5.65 15.79
N PRO A 124 7.02 -6.87 16.34
CA PRO A 124 8.29 -7.61 16.32
C PRO A 124 8.80 -7.92 14.93
N LYS A 125 7.94 -8.04 13.93
CA LYS A 125 8.39 -8.34 12.58
C LYS A 125 8.61 -7.09 11.74
N GLY A 126 8.35 -5.92 12.27
CA GLY A 126 8.66 -4.67 11.59
C GLY A 126 7.42 -3.87 11.23
N VAL A 127 7.70 -2.69 10.70
CA VAL A 127 6.70 -1.64 10.52
C VAL A 127 6.72 -1.15 9.08
N VAL A 128 5.51 -0.95 8.54
CA VAL A 128 5.26 -0.48 7.17
C VAL A 128 4.32 0.71 7.27
N ALA A 129 4.46 1.65 6.32
CA ALA A 129 3.50 2.73 6.16
C ALA A 129 3.03 2.79 4.73
N SER A 130 1.73 2.96 4.53
CA SER A 130 1.14 2.97 3.19
C SER A 130 0.53 4.35 2.99
N LEU A 131 0.98 5.05 1.95
CA LEU A 131 0.61 6.45 1.66
C LEU A 131 -0.04 6.53 0.28
N SER A 132 -1.35 6.33 0.26
CA SER A 132 -2.12 6.38 -0.98
C SER A 132 -2.62 7.80 -1.20
N LEU A 133 -1.67 8.71 -1.39
CA LEU A 133 -1.99 10.13 -1.44
C LEU A 133 -0.83 10.88 -2.08
N GLY A 134 -1.08 12.14 -2.40
CA GLY A 134 -0.01 13.01 -2.86
C GLY A 134 -0.56 14.17 -3.65
N GLY A 135 0.35 15.02 -4.09
CA GLY A 135 0.02 16.16 -4.93
C GLY A 135 1.26 16.58 -5.69
N GLY A 136 1.35 17.87 -6.00
CA GLY A 136 2.48 18.35 -6.78
C GLY A 136 3.79 18.32 -6.00
N TYR A 137 4.90 18.43 -6.73
CA TYR A 137 6.22 18.29 -6.13
C TYR A 137 6.39 19.22 -4.93
N SER A 138 6.88 18.65 -3.84
CA SER A 138 7.22 19.40 -2.63
C SER A 138 8.44 18.75 -2.00
N SER A 139 9.52 19.51 -1.88
CA SER A 139 10.70 18.98 -1.21
C SER A 139 10.43 18.68 0.27
N SER A 140 9.58 19.48 0.91
CA SER A 140 9.24 19.22 2.31
C SER A 140 8.48 17.90 2.46
N VAL A 141 7.54 17.62 1.57
CA VAL A 141 6.81 16.36 1.63
C VAL A 141 7.74 15.19 1.36
N ASN A 142 8.63 15.33 0.36
CA ASN A 142 9.58 14.26 0.08
C ASN A 142 10.48 14.01 1.27
N SER A 143 10.94 15.09 1.91
CA SER A 143 11.84 14.93 3.05
C SER A 143 11.13 14.23 4.21
N ALA A 144 9.84 14.51 4.42
CA ALA A 144 9.10 13.82 5.47
C ALA A 144 9.01 12.32 5.17
N ALA A 145 8.78 11.96 3.90
CA ALA A 145 8.73 10.54 3.57
C ALA A 145 10.10 9.88 3.75
N ALA A 146 11.16 10.59 3.37
CA ALA A 146 12.52 10.09 3.57
C ALA A 146 12.82 9.90 5.06
N ARG A 147 12.39 10.84 5.92
CA ARG A 147 12.59 10.68 7.35
C ARG A 147 11.86 9.45 7.86
N LEU A 148 10.63 9.26 7.43
CA LEU A 148 9.85 8.12 7.89
C LEU A 148 10.56 6.81 7.52
N GLN A 149 11.03 6.71 6.28
CA GLN A 149 11.77 5.52 5.86
C GLN A 149 13.03 5.36 6.69
N SER A 150 13.79 6.45 6.86
CA SER A 150 15.04 6.41 7.61
C SER A 150 14.82 5.96 9.04
N SER A 151 13.67 6.27 9.63
CA SER A 151 13.38 5.91 11.01
C SER A 151 13.17 4.41 11.18
N GLY A 152 13.10 3.65 10.10
CA GLY A 152 12.97 2.20 10.17
C GLY A 152 11.59 1.71 9.78
N VAL A 153 10.90 2.43 8.90
CA VAL A 153 9.58 2.05 8.42
C VAL A 153 9.67 1.84 6.91
N MET A 154 9.05 0.77 6.42
CA MET A 154 8.99 0.53 4.98
C MET A 154 7.90 1.44 4.44
N VAL A 155 8.27 2.47 3.69
CA VAL A 155 7.30 3.44 3.18
C VAL A 155 6.94 3.10 1.74
N ALA A 156 5.67 2.85 1.50
CA ALA A 156 5.13 2.63 0.16
C ALA A 156 4.23 3.81 -0.17
N VAL A 157 4.44 4.42 -1.34
CA VAL A 157 3.66 5.60 -1.75
C VAL A 157 3.11 5.42 -3.14
N ALA A 158 1.95 6.03 -3.38
CA ALA A 158 1.32 5.96 -4.70
C ALA A 158 2.04 6.82 -5.72
N ALA A 159 2.17 6.30 -6.94
CA ALA A 159 2.84 7.10 -7.97
C ALA A 159 2.00 8.29 -8.43
N GLY A 160 0.68 8.22 -8.30
CA GLY A 160 -0.24 9.22 -8.79
C GLY A 160 -0.96 8.77 -10.05
N ASN A 161 -2.04 9.50 -10.38
CA ASN A 161 -3.03 9.06 -11.35
C ASN A 161 -3.21 10.04 -12.52
N ASN A 162 -2.13 10.68 -12.95
CA ASN A 162 -2.24 11.68 -14.01
C ASN A 162 -1.67 11.19 -15.35
N ASN A 163 -1.38 9.91 -15.49
CA ASN A 163 -0.77 9.38 -16.71
C ASN A 163 0.43 10.24 -17.12
N ALA A 164 1.29 10.53 -16.14
CA ALA A 164 2.38 11.48 -16.30
C ALA A 164 3.60 11.00 -15.52
N ASP A 165 4.72 11.71 -15.69
CA ASP A 165 5.93 11.31 -15.00
C ASP A 165 5.79 11.66 -13.51
N ALA A 166 5.97 10.65 -12.66
CA ALA A 166 5.85 10.83 -11.22
C ALA A 166 6.91 11.75 -10.62
N ARG A 167 7.92 12.16 -11.41
CA ARG A 167 8.94 13.08 -10.89
C ARG A 167 8.33 14.39 -10.43
N ASN A 168 7.13 14.73 -10.91
CA ASN A 168 6.51 16.00 -10.59
C ASN A 168 5.48 15.91 -9.48
N TYR A 169 5.49 14.82 -8.71
CA TYR A 169 4.51 14.60 -7.67
C TYR A 169 5.22 14.15 -6.40
N SER A 170 4.57 14.41 -5.26
CA SER A 170 5.13 14.06 -3.97
C SER A 170 4.07 13.43 -3.09
N PRO A 171 4.46 12.45 -2.24
CA PRO A 171 5.82 11.94 -2.03
C PRO A 171 6.32 10.95 -3.09
N ALA A 172 5.56 10.76 -4.18
CA ALA A 172 5.94 9.82 -5.24
C ALA A 172 7.39 10.00 -5.70
N SER A 173 7.87 11.24 -5.78
CA SER A 173 9.18 11.50 -6.38
C SER A 173 10.33 11.34 -5.40
N GLU A 174 10.06 11.02 -4.13
CA GLU A 174 11.14 10.84 -3.16
C GLU A 174 11.87 9.54 -3.46
N PRO A 175 13.16 9.56 -3.80
CA PRO A 175 13.81 8.32 -4.25
C PRO A 175 13.92 7.24 -3.18
N SER A 176 13.99 7.61 -1.90
CA SER A 176 14.32 6.63 -0.87
C SER A 176 13.13 5.84 -0.38
N VAL A 177 11.91 6.10 -0.85
CA VAL A 177 10.76 5.31 -0.49
C VAL A 177 10.40 4.40 -1.67
N CYS A 178 9.31 3.65 -1.55
CA CYS A 178 8.93 2.68 -2.56
C CYS A 178 7.73 3.23 -3.32
N THR A 179 7.96 3.68 -4.56
CA THR A 179 6.93 4.33 -5.37
C THR A 179 6.22 3.30 -6.26
N VAL A 180 4.89 3.26 -6.16
CA VAL A 180 4.08 2.16 -6.69
C VAL A 180 3.17 2.65 -7.81
N GLY A 181 3.33 2.07 -9.01
CA GLY A 181 2.38 2.28 -10.09
C GLY A 181 1.30 1.22 -10.12
N ALA A 182 0.31 1.43 -11.00
CA ALA A 182 -0.86 0.56 -11.05
C ALA A 182 -0.95 -0.21 -12.36
N SER A 183 -1.39 -1.46 -12.27
CA SER A 183 -1.67 -2.31 -13.42
C SER A 183 -3.11 -2.83 -13.36
N ASP A 184 -3.57 -3.37 -14.49
CA ASP A 184 -4.90 -3.95 -14.57
C ASP A 184 -4.82 -5.48 -14.69
N ARG A 185 -5.99 -6.12 -14.72
CA ARG A 185 -6.04 -7.57 -14.66
C ARG A 185 -5.54 -8.24 -15.93
N TYR A 186 -5.33 -7.48 -17.01
CA TYR A 186 -4.74 -8.00 -18.23
C TYR A 186 -3.26 -7.65 -18.35
N ASP A 187 -2.64 -7.25 -17.24
CA ASP A 187 -1.21 -6.93 -17.20
C ASP A 187 -0.85 -5.73 -18.06
N ARG A 188 -1.76 -4.77 -18.18
CA ARG A 188 -1.47 -3.49 -18.79
C ARG A 188 -1.24 -2.46 -17.69
N ARG A 189 -0.34 -1.51 -17.96
CA ARG A 189 -0.29 -0.34 -17.09
C ARG A 189 -1.68 0.28 -17.06
N SER A 190 -2.18 0.56 -15.86
CA SER A 190 -3.48 1.22 -15.75
C SER A 190 -3.47 2.53 -16.53
N SER A 191 -4.63 2.83 -17.14
CA SER A 191 -4.72 3.98 -18.04
C SER A 191 -4.30 5.29 -17.37
N PHE A 192 -4.51 5.39 -16.06
CA PHE A 192 -4.26 6.59 -15.29
C PHE A 192 -2.90 6.58 -14.58
N SER A 193 -2.20 5.45 -14.55
CA SER A 193 -1.03 5.34 -13.69
C SER A 193 0.08 6.27 -14.15
N ASN A 194 0.65 7.02 -13.22
CA ASN A 194 1.89 7.68 -13.51
C ASN A 194 2.99 6.66 -13.78
N TYR A 195 4.09 7.16 -14.33
CA TYR A 195 5.21 6.31 -14.75
C TYR A 195 6.48 7.10 -14.48
N GLY A 196 7.60 6.57 -14.95
CA GLY A 196 8.86 7.29 -14.87
C GLY A 196 9.91 6.52 -14.09
N SER A 197 11.12 7.08 -14.12
CA SER A 197 12.27 6.41 -13.53
C SER A 197 12.16 6.27 -12.02
N VAL A 198 11.36 7.11 -11.36
CA VAL A 198 11.25 7.02 -9.91
C VAL A 198 10.40 5.84 -9.46
N LEU A 199 9.60 5.25 -10.34
CA LEU A 199 8.80 4.10 -9.93
C LEU A 199 9.71 2.93 -9.57
N ASP A 200 9.34 2.23 -8.51
CA ASP A 200 10.04 1.03 -8.08
C ASP A 200 9.34 -0.24 -8.51
N ILE A 201 8.03 -0.21 -8.67
CA ILE A 201 7.25 -1.44 -8.71
C ILE A 201 5.85 -1.10 -9.14
N PHE A 202 5.16 -2.06 -9.76
CA PHE A 202 3.73 -1.94 -10.04
C PHE A 202 2.97 -2.94 -9.20
N GLY A 203 1.74 -2.58 -8.87
CA GLY A 203 0.82 -3.48 -8.22
C GLY A 203 -0.57 -3.34 -8.81
N PRO A 204 -1.44 -4.29 -8.50
CA PRO A 204 -2.81 -4.24 -9.02
C PRO A 204 -3.54 -2.97 -8.58
N GLY A 205 -4.04 -2.21 -9.53
CA GLY A 205 -4.70 -0.95 -9.22
C GLY A 205 -5.99 -0.65 -9.94
N THR A 206 -6.38 -1.42 -10.96
CA THR A 206 -7.64 -1.19 -11.66
C THR A 206 -8.67 -2.20 -11.19
N ASP A 207 -9.82 -1.70 -10.74
CA ASP A 207 -10.97 -2.51 -10.34
C ASP A 207 -10.62 -3.45 -9.17
N ILE A 208 -10.29 -2.83 -8.04
CA ILE A 208 -9.84 -3.53 -6.85
C ILE A 208 -10.95 -3.52 -5.82
N LEU A 209 -11.44 -4.72 -5.50
CA LEU A 209 -12.46 -4.91 -4.50
C LEU A 209 -11.85 -4.89 -3.10
N SER A 210 -12.43 -4.12 -2.20
CA SER A 210 -11.97 -4.06 -0.81
C SER A 210 -13.09 -3.56 0.09
N THR A 211 -12.76 -3.38 1.36
CA THR A 211 -13.68 -2.86 2.36
C THR A 211 -14.06 -1.40 2.08
N TRP A 212 -15.24 -1.01 2.57
CA TRP A 212 -15.71 0.36 2.50
C TRP A 212 -16.44 0.67 3.79
N ILE A 213 -16.71 1.95 4.00
CA ILE A 213 -17.38 2.36 5.23
C ILE A 213 -18.83 1.89 5.24
N GLY A 214 -19.43 1.92 6.42
CA GLY A 214 -20.73 1.32 6.61
C GLY A 214 -20.72 -0.18 6.56
N GLY A 215 -19.58 -0.81 6.87
CA GLY A 215 -19.51 -2.25 6.86
C GLY A 215 -19.68 -2.87 5.48
N SER A 216 -19.30 -2.14 4.44
CA SER A 216 -19.60 -2.51 3.07
C SER A 216 -18.33 -2.88 2.32
N THR A 217 -18.46 -3.10 1.01
CA THR A 217 -17.33 -3.33 0.10
C THR A 217 -17.62 -2.64 -1.22
N ARG A 218 -16.56 -2.31 -1.95
CA ARG A 218 -16.73 -1.83 -3.31
C ARG A 218 -15.41 -1.94 -4.06
N SER A 219 -15.50 -1.87 -5.38
CA SER A 219 -14.36 -1.87 -6.27
C SER A 219 -14.10 -0.46 -6.77
N ILE A 220 -12.86 0.01 -6.59
CA ILE A 220 -12.41 1.30 -7.13
C ILE A 220 -11.01 1.11 -7.69
N SER A 221 -10.52 2.17 -8.35
CA SER A 221 -9.28 2.09 -9.12
C SER A 221 -8.38 3.26 -8.77
N GLY A 222 -7.07 3.01 -8.80
CA GLY A 222 -6.10 4.06 -8.59
C GLY A 222 -4.75 3.49 -8.21
N THR A 223 -3.70 4.33 -8.32
CA THR A 223 -2.45 3.98 -7.66
C THR A 223 -2.62 3.90 -6.15
N SER A 224 -3.68 4.51 -5.62
CA SER A 224 -4.04 4.33 -4.22
C SER A 224 -4.35 2.89 -3.88
N MET A 225 -4.81 2.11 -4.85
CA MET A 225 -5.14 0.70 -4.66
C MET A 225 -3.93 -0.21 -4.85
N ALA A 226 -2.99 0.19 -5.72
CA ALA A 226 -1.79 -0.58 -5.93
C ALA A 226 -0.86 -0.50 -4.72
N THR A 227 -0.74 0.69 -4.14
CA THR A 227 0.15 0.94 -3.01
C THR A 227 -0.07 -0.01 -1.85
N PRO A 228 -1.29 -0.21 -1.33
CA PRO A 228 -1.48 -1.17 -0.22
C PRO A 228 -1.21 -2.61 -0.59
N HIS A 229 -1.31 -3.01 -1.86
CA HIS A 229 -0.85 -4.34 -2.22
C HIS A 229 0.64 -4.49 -1.91
N VAL A 230 1.43 -3.47 -2.25
CA VAL A 230 2.87 -3.52 -1.99
C VAL A 230 3.15 -3.40 -0.51
N ALA A 231 2.44 -2.51 0.21
CA ALA A 231 2.63 -2.39 1.64
C ALA A 231 2.31 -3.70 2.34
N GLY A 232 1.18 -4.31 1.99
CA GLY A 232 0.84 -5.61 2.56
C GLY A 232 1.85 -6.68 2.20
N LEU A 233 2.33 -6.68 0.97
CA LEU A 233 3.35 -7.65 0.58
C LEU A 233 4.62 -7.48 1.41
N ALA A 234 5.03 -6.22 1.62
CA ALA A 234 6.20 -5.98 2.46
C ALA A 234 6.01 -6.53 3.87
N ALA A 235 4.84 -6.26 4.49
CA ALA A 235 4.57 -6.79 5.83
C ALA A 235 4.64 -8.31 5.83
N TYR A 236 4.05 -8.93 4.82
CA TYR A 236 4.07 -10.39 4.69
C TYR A 236 5.49 -10.93 4.59
N LEU A 237 6.34 -10.30 3.76
CA LEU A 237 7.71 -10.78 3.59
C LEU A 237 8.56 -10.51 4.84
N MET A 238 8.31 -9.40 5.51
CA MET A 238 9.01 -9.12 6.77
C MET A 238 8.67 -10.13 7.84
N THR A 239 7.39 -10.52 7.95
CA THR A 239 7.02 -11.55 8.91
C THR A 239 7.73 -12.86 8.60
N LEU A 240 7.88 -13.19 7.33
CA LEU A 240 8.62 -14.38 6.94
C LEU A 240 10.12 -14.26 7.17
N GLY A 241 10.62 -13.08 7.53
CA GLY A 241 12.05 -12.92 7.74
C GLY A 241 12.86 -12.79 6.47
N LYS A 242 12.21 -12.65 5.32
CA LYS A 242 12.93 -12.58 4.06
C LYS A 242 13.55 -11.22 3.80
N THR A 243 13.07 -10.17 4.46
CA THR A 243 13.55 -8.81 4.19
C THR A 243 13.29 -7.95 5.43
N THR A 244 13.74 -6.70 5.36
CA THR A 244 13.62 -5.74 6.44
C THR A 244 12.98 -4.48 5.89
N ALA A 245 12.62 -3.55 6.79
CA ALA A 245 12.03 -2.29 6.35
C ALA A 245 12.94 -1.54 5.37
N ALA A 246 14.26 -1.56 5.63
CA ALA A 246 15.19 -0.82 4.79
C ALA A 246 15.35 -1.43 3.41
N SER A 247 15.15 -2.74 3.29
CA SER A 247 15.50 -3.50 2.10
C SER A 247 14.30 -4.06 1.36
N ALA A 248 13.08 -3.87 1.88
CA ALA A 248 11.91 -4.58 1.35
C ALA A 248 11.57 -4.12 -0.06
N CYS A 249 11.66 -2.82 -0.33
CA CYS A 249 11.31 -2.36 -1.67
C CYS A 249 12.24 -2.99 -2.72
N ARG A 250 13.54 -3.00 -2.43
CA ARG A 250 14.50 -3.62 -3.32
C ARG A 250 14.26 -5.12 -3.43
N TYR A 251 13.94 -5.78 -2.32
CA TYR A 251 13.65 -7.20 -2.36
C TYR A 251 12.43 -7.50 -3.22
N ILE A 252 11.38 -6.66 -3.10
CA ILE A 252 10.19 -6.84 -3.92
C ILE A 252 10.53 -6.66 -5.39
N ALA A 253 11.35 -5.65 -5.71
CA ALA A 253 11.81 -5.48 -7.09
C ALA A 253 12.67 -6.67 -7.54
N ASP A 254 13.56 -7.15 -6.67
CA ASP A 254 14.42 -8.30 -6.99
C ASP A 254 13.58 -9.51 -7.41
N THR A 255 12.47 -9.74 -6.73
CA THR A 255 11.68 -10.96 -6.86
C THR A 255 10.42 -10.75 -7.69
N ALA A 256 10.25 -9.60 -8.31
CA ALA A 256 9.04 -9.28 -9.05
C ALA A 256 8.95 -10.11 -10.33
N ASN A 257 7.73 -10.22 -10.85
CA ASN A 257 7.57 -10.67 -12.23
C ASN A 257 8.07 -9.58 -13.17
N LYS A 258 9.02 -9.91 -14.03
CA LYS A 258 9.72 -8.92 -14.84
C LYS A 258 9.30 -9.02 -16.31
N GLY A 259 9.05 -7.86 -16.92
CA GLY A 259 8.81 -7.78 -18.34
C GLY A 259 7.41 -8.17 -18.79
N ASP A 260 6.47 -8.34 -17.86
CA ASP A 260 5.17 -8.92 -18.20
C ASP A 260 4.08 -7.88 -18.43
N LEU A 261 4.35 -6.60 -18.17
CA LEU A 261 3.34 -5.56 -18.32
C LEU A 261 3.45 -4.88 -19.68
N SER A 262 2.30 -4.43 -20.20
CA SER A 262 2.28 -3.69 -21.45
C SER A 262 2.06 -2.20 -21.21
N ASN A 263 2.37 -1.42 -22.24
CA ASN A 263 2.31 0.06 -22.20
C ASN A 263 3.18 0.66 -21.10
N ILE A 264 4.32 0.02 -20.84
CA ILE A 264 5.33 0.58 -19.94
C ILE A 264 6.25 1.46 -20.79
N PRO A 265 6.30 2.76 -20.55
CA PRO A 265 7.22 3.60 -21.32
C PRO A 265 8.68 3.22 -21.07
N PHE A 266 9.49 3.39 -22.11
CA PHE A 266 10.92 3.11 -21.96
C PHE A 266 11.47 3.98 -20.83
N GLY A 267 12.27 3.38 -19.95
CA GLY A 267 12.78 4.10 -18.80
C GLY A 267 11.99 3.88 -17.51
N THR A 268 10.83 3.24 -17.59
CA THR A 268 10.06 2.86 -16.42
C THR A 268 10.24 1.37 -16.19
N VAL A 269 10.38 0.96 -14.92
CA VAL A 269 10.55 -0.45 -14.63
C VAL A 269 9.35 -1.26 -15.10
N ASN A 270 9.61 -2.46 -15.59
CA ASN A 270 8.55 -3.40 -15.94
C ASN A 270 8.61 -4.51 -14.90
N LEU A 271 8.07 -4.22 -13.72
CA LEU A 271 8.16 -5.10 -12.56
C LEU A 271 6.82 -5.11 -11.84
N LEU A 272 6.30 -6.30 -11.56
CA LEU A 272 4.98 -6.47 -10.97
C LEU A 272 5.16 -7.27 -9.68
N ALA A 273 4.64 -6.73 -8.57
CA ALA A 273 4.85 -7.33 -7.26
C ALA A 273 4.42 -8.79 -7.24
N TYR A 274 5.22 -9.64 -6.60
CA TYR A 274 5.02 -11.08 -6.62
C TYR A 274 5.53 -11.68 -5.33
N ASN A 275 4.73 -12.54 -4.69
CA ASN A 275 5.12 -13.06 -3.38
C ASN A 275 6.04 -14.29 -3.46
N ASN A 276 6.22 -14.89 -4.63
CA ASN A 276 7.13 -16.03 -4.80
C ASN A 276 6.82 -17.15 -3.80
N TYR A 277 5.56 -17.34 -3.46
CA TYR A 277 5.19 -18.35 -2.48
C TYR A 277 5.20 -19.73 -3.12
N GLN A 278 5.88 -20.66 -2.47
CA GLN A 278 5.94 -22.05 -2.94
C GLN A 278 5.52 -22.93 -1.78
N ALA A 279 4.38 -23.59 -1.93
CA ALA A 279 3.86 -24.48 -0.90
C ALA A 279 4.78 -25.69 -0.72
S SO4 B . -12.18 -9.48 -8.67
O1 SO4 B . -13.03 -8.62 -9.49
O2 SO4 B . -11.57 -10.51 -9.50
O3 SO4 B . -11.11 -8.69 -8.08
O4 SO4 B . -12.97 -10.10 -7.61
C4 47S C . -2.72 9.03 -5.06
C5 47S C . -1.56 9.78 -5.23
C6 47S C . -1.62 11.02 -5.88
N1 47S C . 0.94 11.32 -5.75
C7 47S C . -2.83 11.50 -6.35
C8 47S C . -0.37 11.91 -6.10
N2 47S C . 2.15 12.03 -5.90
O 47S C . -0.46 13.02 -6.57
C3 47S C . -3.94 9.50 -5.54
C2 47S C . -4.00 10.74 -6.18
N 47S C . -5.24 11.23 -6.68
C1 47S C . -6.48 10.97 -5.96
C 47S C . -5.25 11.97 -7.92
#